data_8TMZ
#
_entry.id   8TMZ
#
_cell.length_a   43.057
_cell.length_b   71.402
_cell.length_c   74.571
_cell.angle_alpha   90.00
_cell.angle_beta   106.00
_cell.angle_gamma   90.00
#
_symmetry.space_group_name_H-M   'P 1 21 1'
#
loop_
_entity.id
_entity.type
_entity.pdbx_description
1 polymer 'Neutralizing antibody CHM-27 Heavy Chain'
2 polymer 'Neutralizing antibody CHM-27 Light Chain'
3 polymer 'Stem helix peptide of Spike glycoprotein'
4 non-polymer 1,2-ETHANEDIOL
5 water water
#
loop_
_entity_poly.entity_id
_entity_poly.type
_entity_poly.pdbx_seq_one_letter_code
_entity_poly.pdbx_strand_id
1 'polypeptide(L)'
;QVQLVQSGTEIKQPGASVKLSCKASGYTFSSDYIHWVRQAPGQGLEWIGLISPQSGNKVYPQSFQGRVIMTTDTSTSTAF
LDLHSLRSEDTAVYYCTRGRLDVWGPGVLVTVSSASTKGPSVFPLAPSSKSTSGGTAALGCLVKDYFPEPVTVSWNSGAL
TSGVHTFPAVLQSSGLYSLSSVVTVPSSSLGTQTYICNVNHKPSNTKVDKRVEPKSC
;
H
2 'polypeptide(L)'
;QSVLTQPPSVSAAPGQKVTISCSGSSSNIARSYVSWHHHVPGTAPKVLIYGTNNRPSGVSDRFSGSKSGTSAFLAITGLQ
TGDEGDYYCGTWDTSLSAVLFGGGTRLTVLGQPKAAPSVTLFPPSSEELQANKATLVCLISDFYPGAVTVAWKADSSPVK
AGVETTTPSKQSNNKYAASSYLSLTPEQWKSHRSYSCQVTHEGSTVEKTVAPTECS
;
L
3 'polypeptide(L)' PLLGNSTGIDFQDELDEFFKNVSTSIP A
#
# COMPACT_ATOMS: atom_id res chain seq x y z
N VAL A 2 -10.50 17.26 -15.87
CA VAL A 2 -11.59 16.84 -14.99
C VAL A 2 -11.00 16.35 -13.66
N GLN A 3 -9.69 16.53 -13.47
CA GLN A 3 -8.92 15.81 -12.47
C GLN A 3 -8.54 16.66 -11.27
N LEU A 4 -8.06 15.99 -10.23
CA LEU A 4 -7.69 16.61 -8.95
C LEU A 4 -6.22 16.36 -8.66
N VAL A 5 -5.49 17.43 -8.35
CA VAL A 5 -4.07 17.40 -7.97
C VAL A 5 -3.98 17.69 -6.47
N GLN A 6 -3.10 16.96 -5.79
CA GLN A 6 -2.97 17.02 -4.35
C GLN A 6 -1.57 17.45 -3.93
N SER A 7 -1.49 18.14 -2.78
CA SER A 7 -0.21 18.46 -2.14
C SER A 7 0.59 17.17 -1.92
N GLY A 8 1.87 17.32 -1.54
CA GLY A 8 2.75 16.17 -1.36
C GLY A 8 2.88 15.66 0.09
N THR A 9 3.63 14.55 0.21
CA THR A 9 3.75 13.73 1.42
C THR A 9 4.13 14.52 2.67
N GLU A 10 3.66 14.01 3.81
CA GLU A 10 3.82 14.68 5.09
C GLU A 10 4.23 13.68 6.17
N ILE A 11 5.15 14.12 7.02
CA ILE A 11 5.66 13.36 8.17
C ILE A 11 5.44 14.19 9.42
N LYS A 12 4.73 13.61 10.41
CA LYS A 12 4.34 14.35 11.60
C LYS A 12 4.55 13.52 12.87
N GLN A 13 4.90 14.23 13.94
CA GLN A 13 4.83 13.72 15.30
C GLN A 13 3.40 13.55 15.81
N PRO A 14 3.14 12.55 16.68
CA PRO A 14 1.87 12.51 17.40
C PRO A 14 1.63 13.83 18.12
N GLY A 15 0.37 14.25 18.15
CA GLY A 15 -0.02 15.55 18.65
C GLY A 15 -0.02 16.65 17.60
N ALA A 16 0.65 16.44 16.48
CA ALA A 16 0.82 17.48 15.48
C ALA A 16 -0.45 17.65 14.66
N SER A 17 -0.44 18.65 13.79
CA SER A 17 -1.54 18.86 12.86
C SER A 17 -0.98 18.88 11.45
N VAL A 18 -1.83 18.72 10.45
CA VAL A 18 -1.34 18.70 9.08
C VAL A 18 -2.41 19.31 8.19
N LYS A 19 -1.99 20.06 7.18
CA LYS A 19 -2.91 20.74 6.28
C LYS A 19 -2.63 20.23 4.87
N LEU A 20 -3.64 19.56 4.27
CA LEU A 20 -3.57 18.99 2.94
C LEU A 20 -4.41 19.82 1.97
N SER A 21 -3.99 19.85 0.72
CA SER A 21 -4.59 20.73 -0.26
C SER A 21 -5.08 19.96 -1.48
N CYS A 22 -6.26 20.32 -1.99
CA CYS A 22 -6.80 19.70 -3.18
C CYS A 22 -7.20 20.78 -4.19
N LYS A 23 -6.79 20.59 -5.44
CA LYS A 23 -7.03 21.57 -6.51
C LYS A 23 -7.54 20.85 -7.76
N ALA A 24 -8.62 21.36 -8.36
CA ALA A 24 -9.04 20.84 -9.65
C ALA A 24 -8.01 21.20 -10.71
N SER A 25 -7.82 20.29 -11.67
CA SER A 25 -6.77 20.48 -12.67
C SER A 25 -7.12 21.62 -13.62
N GLY A 26 -8.42 21.80 -13.91
CA GLY A 26 -8.86 22.82 -14.85
C GLY A 26 -9.86 23.80 -14.28
N TYR A 27 -10.90 24.12 -15.06
CA TYR A 27 -11.94 25.07 -14.68
C TYR A 27 -13.27 24.34 -14.54
N THR A 28 -14.15 24.87 -13.69
CA THR A 28 -15.40 24.19 -13.42
C THR A 28 -16.51 25.22 -13.40
N PHE A 29 -17.72 24.77 -13.71
CA PHE A 29 -18.90 25.63 -13.58
C PHE A 29 -19.36 25.56 -12.12
N SER A 30 -19.17 26.67 -11.39
CA SER A 30 -19.37 26.68 -9.94
C SER A 30 -18.75 25.43 -9.32
N SER A 31 -19.57 24.58 -8.72
CA SER A 31 -19.00 23.49 -7.93
C SER A 31 -20.14 22.60 -7.50
N ASP A 32 -19.84 21.32 -7.30
CA ASP A 32 -20.68 20.59 -6.37
C ASP A 32 -20.08 20.48 -4.96
N TYR A 33 -19.20 19.49 -4.73
CA TYR A 33 -18.62 19.26 -3.41
C TYR A 33 -17.27 18.57 -3.60
N ILE A 34 -16.40 18.73 -2.60
CA ILE A 34 -15.16 17.97 -2.46
C ILE A 34 -15.23 17.14 -1.19
N HIS A 35 -15.03 15.82 -1.32
CA HIS A 35 -14.92 14.88 -0.21
C HIS A 35 -13.46 14.66 0.10
N TRP A 36 -13.19 14.32 1.35
CA TRP A 36 -11.93 13.71 1.74
C TRP A 36 -12.19 12.30 2.27
N VAL A 37 -11.37 11.34 1.84
CA VAL A 37 -11.48 9.94 2.20
C VAL A 37 -10.07 9.42 2.45
N ARG A 38 -9.84 8.71 3.54
CA ARG A 38 -8.52 8.13 3.71
C ARG A 38 -8.58 6.60 3.71
N GLN A 39 -7.40 6.02 3.64
CA GLN A 39 -7.22 4.57 3.72
C GLN A 39 -5.89 4.30 4.41
N ALA A 40 -5.97 3.81 5.64
CA ALA A 40 -4.84 3.30 6.39
C ALA A 40 -4.35 1.96 5.83
N PRO A 41 -3.04 1.69 5.91
CA PRO A 41 -2.50 0.45 5.36
C PRO A 41 -3.19 -0.80 5.91
N GLY A 42 -3.64 -1.65 4.99
CA GLY A 42 -4.32 -2.88 5.35
C GLY A 42 -5.77 -2.72 5.76
N GLN A 43 -6.30 -1.50 5.83
CA GLN A 43 -7.67 -1.26 6.26
C GLN A 43 -8.49 -0.76 5.08
N GLY A 44 -9.74 -0.38 5.35
CA GLY A 44 -10.66 0.02 4.31
C GLY A 44 -10.74 1.52 4.16
N LEU A 45 -11.77 1.96 3.45
CA LEU A 45 -11.99 3.36 3.14
C LEU A 45 -12.77 4.02 4.25
N GLU A 46 -12.42 5.29 4.57
CA GLU A 46 -13.05 6.01 5.67
C GLU A 46 -13.26 7.47 5.28
N TRP A 47 -14.50 7.92 5.36
CA TRP A 47 -14.85 9.28 4.93
C TRP A 47 -14.50 10.30 6.03
N ILE A 48 -13.87 11.39 5.62
CA ILE A 48 -13.49 12.43 6.60
C ILE A 48 -14.42 13.64 6.56
N GLY A 49 -14.99 13.94 5.41
CA GLY A 49 -16.06 14.91 5.33
C GLY A 49 -16.14 15.49 3.92
N LEU A 50 -17.01 16.49 3.75
CA LEU A 50 -17.10 17.20 2.49
C LEU A 50 -17.30 18.69 2.73
N ILE A 51 -17.01 19.45 1.68
CA ILE A 51 -17.14 20.91 1.71
C ILE A 51 -17.60 21.37 0.32
N SER A 52 -18.47 22.36 0.28
CA SER A 52 -18.78 23.05 -0.96
C SER A 52 -17.74 24.14 -1.22
N PRO A 53 -16.92 24.03 -2.28
CA PRO A 53 -16.01 25.14 -2.61
C PRO A 53 -16.76 26.40 -3.00
N GLN A 54 -18.05 26.30 -3.32
CA GLN A 54 -18.84 27.49 -3.64
C GLN A 54 -19.19 28.28 -2.39
N SER A 55 -19.78 27.61 -1.40
CA SER A 55 -20.33 28.32 -0.25
C SER A 55 -19.46 28.17 0.99
N GLY A 56 -18.49 27.26 0.98
CA GLY A 56 -17.77 26.95 2.18
C GLY A 56 -18.52 26.13 3.23
N ASN A 57 -19.81 25.83 3.05
CA ASN A 57 -20.51 24.94 3.99
C ASN A 57 -19.85 23.55 3.98
N LYS A 58 -19.83 22.89 5.14
CA LYS A 58 -19.08 21.64 5.33
C LYS A 58 -19.91 20.74 6.24
N VAL A 59 -19.61 19.44 6.20
CA VAL A 59 -20.13 18.49 7.17
C VAL A 59 -19.06 17.45 7.49
N TYR A 60 -18.97 17.06 8.76
CA TYR A 60 -18.01 16.04 9.14
C TYR A 60 -18.77 14.94 9.88
N PRO A 61 -18.31 13.70 9.80
CA PRO A 61 -18.93 12.62 10.58
C PRO A 61 -18.59 12.79 12.06
N GLN A 62 -19.45 12.23 12.91
CA GLN A 62 -19.23 12.29 14.34
C GLN A 62 -17.81 11.84 14.69
N SER A 63 -17.28 10.82 13.97
CA SER A 63 -15.96 10.26 14.27
C SER A 63 -14.83 11.26 14.16
N PHE A 64 -14.97 12.32 13.35
CA PHE A 64 -13.90 13.28 13.17
C PHE A 64 -14.24 14.67 13.69
N GLN A 65 -15.50 14.92 14.07
CA GLN A 65 -15.89 16.24 14.55
C GLN A 65 -14.99 16.66 15.72
N GLY A 66 -14.50 17.89 15.65
CA GLY A 66 -13.62 18.43 16.65
C GLY A 66 -12.16 18.46 16.25
N ARG A 67 -11.70 17.50 15.42
CA ARG A 67 -10.29 17.37 15.04
C ARG A 67 -9.98 17.89 13.64
N VAL A 68 -10.98 18.30 12.86
CA VAL A 68 -10.80 18.57 11.43
C VAL A 68 -11.38 19.94 11.11
N ILE A 69 -10.72 20.66 10.22
CA ILE A 69 -11.25 21.87 9.63
C ILE A 69 -11.09 21.76 8.12
N MET A 70 -12.17 21.82 7.39
CA MET A 70 -12.09 21.98 5.94
C MET A 70 -12.35 23.43 5.60
N THR A 71 -11.53 23.98 4.72
CA THR A 71 -11.70 25.35 4.25
C THR A 71 -11.62 25.39 2.73
N THR A 72 -12.18 26.44 2.14
CA THR A 72 -11.99 26.69 0.72
C THR A 72 -11.52 28.14 0.59
N ASP A 73 -10.97 28.48 -0.58
CA ASP A 73 -10.59 29.87 -0.88
C ASP A 73 -11.61 30.48 -1.87
N THR A 74 -11.21 31.57 -2.56
CA THR A 74 -12.12 32.21 -3.52
C THR A 74 -12.40 31.33 -4.73
N SER A 75 -11.67 30.22 -4.89
CA SER A 75 -11.76 29.38 -6.09
C SER A 75 -12.99 28.48 -6.01
N THR A 76 -13.49 28.07 -7.17
CA THR A 76 -14.61 27.16 -7.25
C THR A 76 -14.21 25.71 -7.04
N SER A 77 -12.90 25.41 -6.92
CA SER A 77 -12.58 23.99 -6.82
C SER A 77 -11.42 23.68 -5.89
N THR A 78 -11.07 24.56 -4.94
CA THR A 78 -9.75 24.44 -4.27
C THR A 78 -9.87 24.31 -2.76
N ALA A 79 -10.00 23.07 -2.26
CA ALA A 79 -10.36 22.75 -0.87
C ALA A 79 -9.15 22.34 -0.01
N PHE A 80 -9.31 22.45 1.32
CA PHE A 80 -8.24 22.16 2.26
C PHE A 80 -8.75 21.36 3.44
N LEU A 81 -7.91 20.44 3.91
CA LEU A 81 -8.22 19.62 5.05
C LEU A 81 -7.14 19.81 6.09
N ASP A 82 -7.53 20.20 7.29
CA ASP A 82 -6.56 20.42 8.36
C ASP A 82 -6.95 19.43 9.44
N LEU A 83 -6.07 18.46 9.68
CA LEU A 83 -6.31 17.36 10.60
C LEU A 83 -5.43 17.57 11.82
N HIS A 84 -6.06 17.63 12.99
CA HIS A 84 -5.40 17.91 14.26
C HIS A 84 -5.31 16.67 15.13
N SER A 85 -4.45 16.79 16.15
CA SER A 85 -4.28 15.83 17.23
C SER A 85 -3.92 14.47 16.65
N LEU A 86 -2.94 14.48 15.74
CA LEU A 86 -2.55 13.28 15.00
C LEU A 86 -2.05 12.19 15.94
N ARG A 87 -2.33 10.94 15.58
CA ARG A 87 -1.81 9.79 16.31
C ARG A 87 -1.38 8.73 15.30
N SER A 88 -0.61 7.75 15.79
CA SER A 88 -0.13 6.65 14.93
C SER A 88 -1.24 6.12 14.01
N GLU A 89 -2.47 6.03 14.54
CA GLU A 89 -3.63 5.49 13.84
C GLU A 89 -4.00 6.30 12.60
N ASP A 90 -3.53 7.55 12.51
CA ASP A 90 -3.87 8.44 11.41
C ASP A 90 -2.92 8.32 10.23
N THR A 91 -1.87 7.50 10.33
CA THR A 91 -1.07 7.17 9.17
C THR A 91 -1.90 6.53 8.08
N ALA A 92 -1.91 7.14 6.90
CA ALA A 92 -2.84 6.71 5.86
C ALA A 92 -2.56 7.50 4.60
N VAL A 93 -3.12 7.04 3.48
CA VAL A 93 -3.20 7.89 2.29
C VAL A 93 -4.52 8.63 2.31
N TYR A 94 -4.45 9.96 2.16
CA TYR A 94 -5.62 10.83 2.13
C TYR A 94 -5.93 11.18 0.67
N TYR A 95 -7.21 11.11 0.30
CA TYR A 95 -7.71 11.34 -1.05
C TYR A 95 -8.74 12.45 -1.01
N CYS A 96 -8.79 13.28 -2.04
CA CYS A 96 -9.95 14.13 -2.26
C CYS A 96 -10.71 13.58 -3.47
N THR A 97 -12.02 13.81 -3.47
CA THR A 97 -12.87 13.41 -4.59
C THR A 97 -13.88 14.49 -4.92
N ARG A 98 -14.40 14.46 -6.15
CA ARG A 98 -15.53 15.28 -6.59
C ARG A 98 -16.83 14.81 -5.94
N GLY A 99 -17.92 15.53 -6.23
CA GLY A 99 -19.12 15.45 -5.40
C GLY A 99 -19.82 14.11 -5.46
N ARG A 100 -19.80 13.46 -6.62
CA ARG A 100 -20.45 12.14 -6.75
C ARG A 100 -19.52 10.95 -6.49
N LEU A 101 -18.33 11.22 -5.96
CA LEU A 101 -17.23 10.28 -5.76
C LEU A 101 -16.80 9.65 -7.07
N ASP A 102 -17.11 10.32 -8.19
CA ASP A 102 -16.85 9.80 -9.53
C ASP A 102 -15.40 9.99 -9.95
N VAL A 103 -14.70 11.00 -9.41
CA VAL A 103 -13.33 11.35 -9.78
C VAL A 103 -12.55 11.54 -8.48
N TRP A 104 -11.36 10.94 -8.40
CA TRP A 104 -10.55 10.93 -7.18
C TRP A 104 -9.19 11.54 -7.45
N GLY A 105 -8.65 12.26 -6.47
CA GLY A 105 -7.28 12.72 -6.52
C GLY A 105 -6.30 11.56 -6.36
N PRO A 106 -5.01 11.79 -6.55
CA PRO A 106 -4.06 10.67 -6.56
C PRO A 106 -3.58 10.22 -5.18
N GLY A 107 -4.04 10.83 -4.10
CA GLY A 107 -3.58 10.45 -2.77
C GLY A 107 -2.35 11.22 -2.33
N VAL A 108 -2.25 11.43 -1.02
CA VAL A 108 -1.03 11.93 -0.38
C VAL A 108 -0.82 11.13 0.91
N LEU A 109 0.40 10.65 1.14
CA LEU A 109 0.70 9.91 2.36
C LEU A 109 0.98 10.82 3.55
N VAL A 110 0.30 10.57 4.66
CA VAL A 110 0.63 11.21 5.91
C VAL A 110 1.10 10.09 6.85
N THR A 111 2.38 10.16 7.26
CA THR A 111 2.97 9.22 8.19
C THR A 111 3.15 9.91 9.53
N VAL A 112 2.57 9.34 10.58
CA VAL A 112 2.74 9.86 11.93
C VAL A 112 3.73 8.97 12.66
N SER A 113 4.86 9.55 13.08
CA SER A 113 6.00 8.80 13.59
C SER A 113 6.92 9.70 14.41
N SER A 114 7.52 9.12 15.45
CA SER A 114 8.47 9.81 16.31
C SER A 114 9.86 9.89 15.69
N ALA A 115 10.10 9.22 14.57
CA ALA A 115 11.45 9.13 14.04
C ALA A 115 11.79 10.40 13.26
N SER A 116 13.09 10.67 13.14
CA SER A 116 13.58 11.80 12.37
C SER A 116 14.26 11.31 11.08
N THR A 117 14.34 12.21 10.10
CA THR A 117 14.95 11.86 8.83
C THR A 117 16.38 11.37 9.01
N LYS A 118 16.69 10.23 8.38
CA LYS A 118 17.99 9.58 8.41
C LYS A 118 18.19 8.90 7.06
N GLY A 119 19.36 9.13 6.45
CA GLY A 119 19.72 8.55 5.19
C GLY A 119 20.21 7.13 5.37
N PRO A 120 20.15 6.32 4.32
CA PRO A 120 20.45 4.90 4.48
C PRO A 120 21.93 4.65 4.47
N SER A 121 22.32 3.57 5.14
CA SER A 121 23.64 2.97 4.98
C SER A 121 23.47 1.82 3.98
N VAL A 122 24.21 1.84 2.88
CA VAL A 122 24.02 0.81 1.84
C VAL A 122 25.16 -0.21 1.92
N PHE A 123 24.81 -1.50 1.91
CA PHE A 123 25.86 -2.53 2.00
C PHE A 123 25.73 -3.50 0.84
N PRO A 124 26.85 -4.01 0.30
CA PRO A 124 26.77 -4.98 -0.79
C PRO A 124 26.35 -6.34 -0.28
N LEU A 125 25.52 -7.01 -1.07
CA LEU A 125 25.15 -8.41 -0.92
C LEU A 125 25.88 -9.15 -2.04
N ALA A 126 27.08 -9.63 -1.72
CA ALA A 126 27.99 -10.12 -2.75
C ALA A 126 27.56 -11.50 -3.23
N PRO A 127 27.61 -11.76 -4.53
CA PRO A 127 27.44 -13.11 -5.01
C PRO A 127 28.71 -13.87 -4.73
N SER A 128 28.56 -15.16 -4.48
CA SER A 128 29.69 -16.09 -4.36
C SER A 128 30.35 -16.33 -5.72
N GLY A 135 23.90 -21.80 -13.10
CA GLY A 135 24.67 -20.81 -13.85
C GLY A 135 24.12 -19.39 -13.72
N THR A 136 23.35 -19.14 -12.66
CA THR A 136 22.87 -17.81 -12.31
C THR A 136 23.26 -17.55 -10.86
N ALA A 137 23.55 -16.26 -10.58
CA ALA A 137 23.99 -15.77 -9.29
C ALA A 137 23.10 -14.62 -8.84
N ALA A 138 22.87 -14.55 -7.54
CA ALA A 138 22.08 -13.50 -6.92
C ALA A 138 23.04 -12.50 -6.29
N LEU A 139 22.80 -11.22 -6.54
CA LEU A 139 23.65 -10.18 -5.97
C LEU A 139 22.79 -8.95 -5.71
N GLY A 140 23.00 -8.30 -4.57
CA GLY A 140 22.16 -7.16 -4.26
C GLY A 140 22.77 -6.08 -3.41
N CYS A 141 21.92 -5.18 -2.88
CA CYS A 141 22.37 -4.28 -1.84
C CYS A 141 21.31 -4.12 -0.77
N LEU A 142 21.78 -4.07 0.47
CA LEU A 142 20.95 -3.84 1.63
C LEU A 142 20.96 -2.33 1.93
N VAL A 143 19.78 -1.71 1.84
CA VAL A 143 19.58 -0.28 2.12
C VAL A 143 19.06 -0.18 3.55
N LYS A 144 19.96 0.07 4.49
CA LYS A 144 19.70 -0.09 5.91
C LYS A 144 19.41 1.24 6.64
N ASP A 145 18.41 1.21 7.51
CA ASP A 145 18.17 2.19 8.57
C ASP A 145 18.01 3.61 8.03
N TYR A 146 16.92 3.80 7.29
CA TYR A 146 16.58 5.10 6.70
C TYR A 146 15.18 5.53 7.08
N PHE A 147 14.97 6.85 7.19
CA PHE A 147 13.62 7.39 7.43
C PHE A 147 13.52 8.74 6.73
N PRO A 148 12.36 9.08 6.12
CA PRO A 148 11.20 8.20 5.88
C PRO A 148 11.23 7.44 4.57
N GLU A 149 10.11 6.81 4.21
CA GLU A 149 9.96 6.32 2.86
C GLU A 149 9.74 7.50 1.92
N PRO A 150 10.02 7.34 0.60
CA PRO A 150 10.56 6.17 -0.10
C PRO A 150 12.06 6.17 -0.33
N VAL A 151 12.54 5.03 -0.79
CA VAL A 151 13.83 4.89 -1.45
C VAL A 151 13.55 4.41 -2.87
N THR A 152 14.30 4.91 -3.83
CA THR A 152 14.32 4.33 -5.16
C THR A 152 15.67 3.68 -5.38
N VAL A 153 15.67 2.54 -6.06
CA VAL A 153 16.88 1.79 -6.37
C VAL A 153 16.83 1.44 -7.85
N SER A 154 17.90 1.76 -8.56
CA SER A 154 18.13 1.27 -9.90
C SER A 154 19.50 0.62 -9.94
N TRP A 155 19.84 -0.04 -11.06
CA TRP A 155 21.08 -0.78 -11.17
C TRP A 155 21.79 -0.32 -12.42
N ASN A 156 23.11 0.01 -12.30
CA ASN A 156 23.91 0.42 -13.44
C ASN A 156 23.28 1.61 -14.15
N SER A 157 22.72 2.53 -13.36
CA SER A 157 22.20 3.81 -13.85
C SER A 157 21.07 3.64 -14.87
N GLY A 158 20.27 2.60 -14.67
CA GLY A 158 19.12 2.35 -15.50
C GLY A 158 19.35 1.39 -16.65
N ALA A 159 20.60 1.00 -16.95
CA ALA A 159 20.85 0.04 -18.02
C ALA A 159 20.49 -1.39 -17.65
N LEU A 160 20.47 -1.73 -16.37
CA LEU A 160 20.14 -3.09 -15.96
C LEU A 160 18.78 -3.08 -15.28
N THR A 161 17.80 -3.70 -15.94
CA THR A 161 16.41 -3.83 -15.50
C THR A 161 15.96 -5.27 -15.35
N SER A 162 16.40 -6.17 -16.23
CA SER A 162 15.91 -7.54 -16.18
C SER A 162 16.62 -8.31 -15.09
N GLY A 163 15.87 -9.11 -14.35
CA GLY A 163 16.44 -9.84 -13.25
C GLY A 163 16.40 -9.10 -11.94
N VAL A 164 15.86 -7.88 -11.94
CA VAL A 164 15.98 -6.91 -10.84
C VAL A 164 14.72 -6.97 -9.99
N HIS A 165 14.89 -7.06 -8.69
CA HIS A 165 13.76 -7.21 -7.80
C HIS A 165 14.08 -6.47 -6.50
N THR A 166 13.46 -5.30 -6.33
CA THR A 166 13.61 -4.51 -5.13
C THR A 166 12.45 -4.85 -4.19
N PHE A 167 12.76 -5.26 -3.02
CA PHE A 167 11.71 -5.68 -2.11
C PHE A 167 11.14 -4.51 -1.31
N PRO A 168 9.88 -4.59 -0.93
CA PRO A 168 9.30 -3.57 -0.05
C PRO A 168 9.96 -3.58 1.31
N ALA A 169 10.05 -2.40 1.91
CA ALA A 169 10.85 -2.27 3.11
C ALA A 169 10.16 -2.87 4.33
N VAL A 170 10.95 -3.34 5.25
CA VAL A 170 10.47 -3.64 6.60
C VAL A 170 10.54 -2.37 7.43
N LEU A 171 9.50 -2.12 8.22
CA LEU A 171 9.55 -1.14 9.29
C LEU A 171 10.01 -1.81 10.57
N GLN A 172 11.08 -1.30 11.17
CA GLN A 172 11.66 -1.87 12.38
C GLN A 172 11.08 -1.25 13.64
N SER A 173 11.34 -1.94 14.76
CA SER A 173 10.77 -1.52 16.03
C SER A 173 11.33 -0.17 16.46
N SER A 174 12.50 0.20 15.96
CA SER A 174 13.10 1.50 16.14
C SER A 174 12.41 2.61 15.35
N GLY A 175 11.55 2.26 14.40
CA GLY A 175 10.91 3.20 13.52
C GLY A 175 11.59 3.43 12.19
N LEU A 176 12.78 2.87 11.97
CA LEU A 176 13.52 3.06 10.72
C LEU A 176 13.22 1.93 9.74
N TYR A 177 13.27 2.25 8.44
CA TYR A 177 13.05 1.27 7.39
C TYR A 177 14.36 0.63 6.93
N SER A 178 14.22 -0.55 6.32
CA SER A 178 15.30 -1.24 5.62
C SER A 178 14.68 -1.97 4.44
N LEU A 179 15.34 -1.91 3.28
CA LEU A 179 14.93 -2.74 2.16
C LEU A 179 16.15 -3.38 1.51
N SER A 180 15.90 -4.41 0.68
CA SER A 180 16.94 -5.05 -0.11
C SER A 180 16.56 -4.99 -1.58
N SER A 181 17.55 -4.86 -2.44
CA SER A 181 17.34 -5.01 -3.88
C SER A 181 18.31 -6.07 -4.38
N VAL A 182 17.85 -6.96 -5.24
CA VAL A 182 18.69 -8.06 -5.70
C VAL A 182 18.48 -8.24 -7.20
N VAL A 183 19.53 -8.70 -7.87
CA VAL A 183 19.54 -8.90 -9.31
C VAL A 183 20.12 -10.29 -9.58
N THR A 184 19.40 -11.05 -10.42
CA THR A 184 19.80 -12.37 -10.90
C THR A 184 20.53 -12.23 -12.22
N VAL A 185 21.79 -12.63 -12.26
CA VAL A 185 22.59 -12.48 -13.47
C VAL A 185 23.19 -13.84 -13.82
N PRO A 186 23.60 -14.05 -15.08
CA PRO A 186 24.42 -15.24 -15.40
C PRO A 186 25.73 -15.22 -14.64
N SER A 187 26.16 -16.39 -14.17
CA SER A 187 27.37 -16.47 -13.35
C SER A 187 28.59 -15.96 -14.10
N SER A 188 28.68 -16.25 -15.40
CA SER A 188 29.85 -15.82 -16.16
C SER A 188 29.96 -14.29 -16.18
N SER A 189 28.83 -13.58 -16.21
CA SER A 189 28.98 -12.14 -16.29
C SER A 189 29.56 -11.55 -15.01
N LEU A 190 29.64 -12.33 -13.93
CA LEU A 190 30.28 -11.88 -12.71
C LEU A 190 31.72 -11.44 -12.99
N GLY A 191 32.38 -12.07 -13.97
CA GLY A 191 33.74 -11.68 -14.30
C GLY A 191 33.86 -10.65 -15.38
N THR A 192 32.77 -10.36 -16.08
CA THR A 192 32.77 -9.52 -17.26
C THR A 192 32.03 -8.19 -17.09
N GLN A 193 31.24 -8.03 -16.03
CA GLN A 193 30.43 -6.84 -15.93
C GLN A 193 30.46 -6.31 -14.49
N THR A 194 30.63 -5.00 -14.35
CA THR A 194 30.52 -4.36 -13.05
C THR A 194 29.04 -4.17 -12.71
N TYR A 195 28.70 -4.38 -11.44
CA TYR A 195 27.34 -4.13 -10.94
C TYR A 195 27.37 -3.07 -9.85
N ILE A 196 26.55 -2.05 -10.01
CA ILE A 196 26.43 -0.94 -9.07
C ILE A 196 24.96 -0.66 -8.83
N CYS A 197 24.57 -0.61 -7.56
CA CYS A 197 23.22 -0.15 -7.26
C CYS A 197 23.18 1.34 -6.94
N ASN A 198 22.20 2.02 -7.53
CA ASN A 198 21.97 3.45 -7.37
C ASN A 198 20.77 3.60 -6.44
N VAL A 199 21.03 4.03 -5.22
CA VAL A 199 20.05 4.24 -4.17
C VAL A 199 19.81 5.73 -4.01
N ASN A 200 18.57 6.16 -4.13
CA ASN A 200 18.22 7.56 -3.94
C ASN A 200 17.22 7.66 -2.80
N HIS A 201 17.55 8.52 -1.82
CA HIS A 201 16.69 8.85 -0.69
C HIS A 201 16.52 10.37 -0.68
N LYS A 202 15.53 10.82 -1.44
CA LYS A 202 15.21 12.25 -1.56
C LYS A 202 14.90 12.92 -0.23
N PRO A 203 14.05 12.37 0.64
CA PRO A 203 13.84 12.97 1.97
C PRO A 203 15.11 13.40 2.68
N SER A 204 16.25 12.76 2.45
CA SER A 204 17.47 13.20 3.10
C SER A 204 18.46 13.82 2.12
N ASN A 205 18.04 14.11 0.89
CA ASN A 205 18.90 14.69 -0.14
C ASN A 205 20.17 13.86 -0.34
N THR A 206 20.02 12.53 -0.28
CA THR A 206 21.17 11.63 -0.33
C THR A 206 21.03 10.64 -1.49
N LYS A 207 22.13 10.41 -2.20
CA LYS A 207 22.23 9.41 -3.26
C LYS A 207 23.46 8.57 -2.96
N VAL A 208 23.40 7.26 -3.23
CA VAL A 208 24.55 6.39 -3.00
C VAL A 208 24.65 5.41 -4.17
N ASP A 209 25.81 5.37 -4.83
CA ASP A 209 26.18 4.33 -5.79
C ASP A 209 27.12 3.35 -5.13
N LYS A 210 26.70 2.10 -5.03
CA LYS A 210 27.44 1.13 -4.25
C LYS A 210 27.83 -0.02 -5.16
N ARG A 211 29.14 -0.19 -5.35
CA ARG A 211 29.64 -1.23 -6.21
C ARG A 211 29.52 -2.58 -5.51
N VAL A 212 29.01 -3.59 -6.20
CA VAL A 212 28.81 -4.91 -5.63
C VAL A 212 29.85 -5.84 -6.28
N GLU A 213 30.85 -6.22 -5.49
CA GLU A 213 31.92 -7.04 -6.03
C GLU A 213 31.72 -8.49 -5.62
N PRO A 214 32.08 -9.39 -6.52
CA PRO A 214 31.99 -10.84 -6.22
C PRO A 214 32.89 -11.22 -5.04
N LYS A 215 32.57 -12.35 -4.42
CA LYS A 215 33.19 -12.72 -3.13
C LYS A 215 34.55 -13.37 -3.33
N SER B 2 -26.42 2.51 9.91
CA SER B 2 -25.34 3.23 10.53
C SER B 2 -24.00 2.59 10.11
N VAL B 3 -24.04 1.34 9.62
CA VAL B 3 -22.90 0.68 8.99
C VAL B 3 -23.33 -0.01 7.68
N LEU B 4 -22.40 -0.06 6.72
CA LEU B 4 -22.60 -0.83 5.50
C LEU B 4 -21.83 -2.15 5.61
N THR B 5 -22.46 -3.28 5.25
CA THR B 5 -21.79 -4.58 5.30
C THR B 5 -21.61 -5.18 3.91
N GLN B 6 -20.56 -5.95 3.75
CA GLN B 6 -20.27 -6.61 2.50
C GLN B 6 -19.78 -7.99 2.85
N PRO B 7 -20.01 -9.00 2.01
CA PRO B 7 -19.38 -10.32 2.25
C PRO B 7 -17.87 -10.16 2.26
N PRO B 8 -17.14 -10.89 3.11
CA PRO B 8 -15.67 -10.74 3.10
C PRO B 8 -14.97 -11.14 1.79
N SER B 9 -15.47 -12.14 1.03
CA SER B 9 -14.76 -12.43 -0.21
C SER B 9 -15.68 -13.10 -1.23
N VAL B 10 -15.27 -13.01 -2.50
CA VAL B 10 -15.92 -13.77 -3.57
C VAL B 10 -14.84 -14.38 -4.45
N SER B 11 -15.22 -15.42 -5.19
CA SER B 11 -14.25 -16.05 -6.07
C SER B 11 -14.97 -16.79 -7.18
N ALA B 12 -14.38 -16.73 -8.37
CA ALA B 12 -14.81 -17.53 -9.51
C ALA B 12 -13.60 -17.84 -10.38
N ALA B 13 -13.82 -18.77 -11.30
CA ALA B 13 -12.84 -19.12 -12.31
C ALA B 13 -12.88 -18.10 -13.43
N PRO B 14 -11.81 -18.01 -14.23
CA PRO B 14 -11.77 -17.02 -15.32
C PRO B 14 -12.97 -17.18 -16.26
N GLY B 15 -13.50 -16.04 -16.69
CA GLY B 15 -14.62 -16.03 -17.62
C GLY B 15 -15.99 -16.06 -17.00
N GLN B 16 -16.11 -16.39 -15.72
CA GLN B 16 -17.38 -16.42 -15.02
C GLN B 16 -17.80 -15.01 -14.58
N LYS B 17 -19.03 -14.94 -14.04
CA LYS B 17 -19.62 -13.74 -13.44
C LYS B 17 -19.62 -13.85 -11.91
N VAL B 18 -19.26 -12.77 -11.24
CA VAL B 18 -19.37 -12.66 -9.79
C VAL B 18 -20.29 -11.48 -9.49
N THR B 19 -21.02 -11.57 -8.39
CA THR B 19 -21.83 -10.47 -7.89
C THR B 19 -21.43 -10.19 -6.46
N ILE B 20 -21.18 -8.91 -6.17
CA ILE B 20 -20.78 -8.46 -4.86
C ILE B 20 -21.89 -7.63 -4.27
N SER B 21 -22.22 -7.97 -3.04
CA SER B 21 -23.39 -7.57 -2.29
C SER B 21 -22.99 -6.43 -1.36
N CYS B 22 -23.93 -5.53 -1.06
CA CYS B 22 -23.67 -4.44 -0.13
C CYS B 22 -24.94 -4.12 0.62
N SER B 23 -24.94 -4.24 1.93
CA SER B 23 -26.17 -4.11 2.70
C SER B 23 -26.13 -2.87 3.61
N GLY B 24 -27.22 -2.09 3.60
CA GLY B 24 -27.36 -0.90 4.41
C GLY B 24 -28.70 -0.82 5.13
N SER B 25 -29.31 0.36 5.11
CA SER B 25 -30.60 0.52 5.77
C SER B 25 -31.45 1.50 4.98
N SER B 26 -32.64 1.79 5.49
CA SER B 26 -33.57 2.65 4.75
C SER B 26 -33.09 4.12 4.70
N SER B 27 -32.15 4.51 5.56
CA SER B 27 -31.60 5.86 5.53
C SER B 27 -30.37 6.01 4.65
N ASN B 28 -29.81 4.90 4.13
CA ASN B 28 -28.74 5.12 3.15
C ASN B 28 -28.94 4.46 1.79
N ILE B 29 -28.73 3.14 1.67
CA ILE B 29 -28.75 2.53 0.34
C ILE B 29 -30.13 2.68 -0.29
N ALA B 30 -31.18 2.55 0.51
CA ALA B 30 -32.55 2.57 0.00
C ALA B 30 -32.89 3.86 -0.71
N ARG B 31 -32.15 4.96 -0.43
CA ARG B 31 -32.56 6.29 -0.84
C ARG B 31 -31.43 7.15 -1.43
N SER B 32 -30.19 6.66 -1.47
CA SER B 32 -29.05 7.47 -1.91
C SER B 32 -28.29 6.77 -3.04
N TYR B 33 -27.58 7.57 -3.84
CA TYR B 33 -26.74 6.96 -4.87
C TYR B 33 -25.69 6.05 -4.21
N VAL B 34 -25.29 5.03 -4.95
CA VAL B 34 -24.30 4.06 -4.50
C VAL B 34 -23.10 4.17 -5.43
N SER B 35 -21.91 4.09 -4.88
CA SER B 35 -20.71 4.12 -5.69
C SER B 35 -19.90 2.88 -5.34
N TRP B 36 -19.09 2.40 -6.30
CA TRP B 36 -18.22 1.25 -6.10
C TRP B 36 -16.79 1.56 -6.55
N HIS B 37 -15.83 1.09 -5.75
CA HIS B 37 -14.39 1.36 -5.93
C HIS B 37 -13.55 0.09 -5.78
N HIS B 38 -12.54 -0.04 -6.64
CA HIS B 38 -11.66 -1.20 -6.71
C HIS B 38 -10.27 -0.80 -6.25
N HIS B 39 -9.73 -1.47 -5.24
CA HIS B 39 -8.43 -1.03 -4.72
C HIS B 39 -7.51 -2.24 -4.69
N VAL B 40 -6.34 -2.07 -5.26
CA VAL B 40 -5.22 -3.02 -5.20
C VAL B 40 -4.15 -2.37 -4.34
N PRO B 41 -3.88 -2.87 -3.13
CA PRO B 41 -2.85 -2.25 -2.29
C PRO B 41 -1.61 -1.99 -3.11
N GLY B 42 -1.13 -0.77 -3.02
CA GLY B 42 -0.07 -0.24 -3.87
C GLY B 42 -0.53 0.83 -4.82
N THR B 43 -1.83 0.89 -5.12
CA THR B 43 -2.38 1.79 -6.14
C THR B 43 -3.53 2.57 -5.53
N ALA B 44 -3.83 3.76 -6.09
CA ALA B 44 -5.02 4.47 -5.64
C ALA B 44 -6.28 3.67 -6.01
N PRO B 45 -7.37 3.82 -5.27
CA PRO B 45 -8.59 3.11 -5.65
C PRO B 45 -9.12 3.67 -6.97
N LYS B 46 -9.74 2.79 -7.74
CA LYS B 46 -10.31 3.10 -9.04
C LYS B 46 -11.82 3.21 -8.87
N VAL B 47 -12.42 4.28 -9.39
CA VAL B 47 -13.87 4.34 -9.37
C VAL B 47 -14.38 3.46 -10.49
N LEU B 48 -15.31 2.57 -10.17
CA LEU B 48 -15.95 1.70 -11.15
C LEU B 48 -17.39 2.09 -11.40
N ILE B 49 -18.13 2.43 -10.35
CA ILE B 49 -19.53 2.80 -10.51
C ILE B 49 -19.78 4.04 -9.66
N TYR B 50 -20.55 5.00 -10.18
CA TYR B 50 -21.07 6.13 -9.40
C TYR B 50 -22.53 6.34 -9.79
N GLY B 51 -23.28 7.05 -8.94
CA GLY B 51 -24.69 7.23 -9.19
C GLY B 51 -25.44 5.92 -9.38
N THR B 52 -25.01 4.87 -8.67
CA THR B 52 -25.57 3.52 -8.53
C THR B 52 -25.42 2.64 -9.77
N ASN B 53 -25.39 3.24 -10.97
CA ASN B 53 -25.19 2.40 -12.16
C ASN B 53 -24.41 3.07 -13.28
N ASN B 54 -23.76 4.24 -13.05
CA ASN B 54 -23.00 4.88 -14.11
C ASN B 54 -21.55 4.43 -14.08
N ARG B 55 -20.98 4.15 -15.25
CA ARG B 55 -19.56 3.80 -15.33
C ARG B 55 -18.76 5.03 -15.76
N PRO B 56 -17.64 5.32 -15.09
CA PRO B 56 -16.77 6.41 -15.54
C PRO B 56 -16.21 6.14 -16.92
N SER B 57 -15.89 7.20 -17.65
CA SER B 57 -15.31 7.00 -18.98
C SER B 57 -14.07 6.12 -18.84
N GLY B 58 -14.01 5.04 -19.63
CA GLY B 58 -12.88 4.15 -19.64
C GLY B 58 -13.08 2.87 -18.84
N VAL B 59 -14.07 2.83 -17.97
CA VAL B 59 -14.34 1.64 -17.17
C VAL B 59 -15.00 0.60 -18.06
N SER B 60 -14.45 -0.61 -18.06
CA SER B 60 -14.98 -1.72 -18.85
C SER B 60 -16.46 -2.00 -18.58
N ASP B 61 -17.19 -2.32 -19.63
CA ASP B 61 -18.62 -2.60 -19.56
C ASP B 61 -19.00 -3.98 -19.00
N ARG B 62 -18.05 -4.80 -18.55
CA ARG B 62 -18.48 -5.97 -17.79
C ARG B 62 -18.77 -5.67 -16.32
N PHE B 63 -18.57 -4.44 -15.86
CA PHE B 63 -18.98 -3.99 -14.55
C PHE B 63 -20.32 -3.28 -14.61
N SER B 64 -21.20 -3.58 -13.65
CA SER B 64 -22.50 -2.92 -13.60
C SER B 64 -22.95 -2.79 -12.15
N GLY B 65 -23.70 -1.71 -11.87
CA GLY B 65 -24.32 -1.49 -10.56
C GLY B 65 -25.83 -1.56 -10.58
N SER B 66 -26.43 -2.03 -9.49
CA SER B 66 -27.87 -1.89 -9.31
C SER B 66 -28.18 -1.82 -7.82
N LYS B 67 -29.48 -1.77 -7.51
CA LYS B 67 -29.97 -1.64 -6.14
C LYS B 67 -31.35 -2.25 -5.98
N SER B 68 -31.61 -2.87 -4.82
CA SER B 68 -32.92 -3.39 -4.45
C SER B 68 -33.14 -3.17 -2.96
N GLY B 69 -34.09 -2.31 -2.61
CA GLY B 69 -34.28 -1.99 -1.21
C GLY B 69 -32.99 -1.49 -0.59
N THR B 70 -32.65 -2.03 0.57
CA THR B 70 -31.48 -1.64 1.34
C THR B 70 -30.19 -2.34 0.85
N SER B 71 -30.22 -3.05 -0.29
CA SER B 71 -29.07 -3.78 -0.76
C SER B 71 -28.66 -3.25 -2.13
N ALA B 72 -27.35 -3.22 -2.40
CA ALA B 72 -26.79 -2.75 -3.66
C ALA B 72 -25.89 -3.83 -4.20
N PHE B 73 -25.72 -3.89 -5.52
CA PHE B 73 -24.98 -5.00 -6.10
C PHE B 73 -24.09 -4.58 -7.27
N LEU B 74 -22.85 -5.08 -7.25
CA LEU B 74 -21.88 -4.90 -8.33
C LEU B 74 -21.70 -6.25 -9.03
N ALA B 75 -21.96 -6.30 -10.33
CA ALA B 75 -21.72 -7.52 -11.08
C ALA B 75 -20.53 -7.34 -12.00
N ILE B 76 -19.66 -8.35 -12.00
CA ILE B 76 -18.49 -8.42 -12.85
C ILE B 76 -18.63 -9.66 -13.73
N THR B 77 -18.74 -9.47 -15.04
CA THR B 77 -18.72 -10.58 -15.98
C THR B 77 -17.36 -10.72 -16.65
N GLY B 78 -17.12 -11.88 -17.26
CA GLY B 78 -15.87 -12.09 -17.98
C GLY B 78 -14.63 -11.97 -17.13
N LEU B 79 -14.63 -12.65 -15.98
CA LEU B 79 -13.66 -12.37 -14.94
C LEU B 79 -12.21 -12.63 -15.41
N GLN B 80 -11.32 -11.67 -15.16
CA GLN B 80 -9.90 -11.82 -15.48
C GLN B 80 -9.05 -11.60 -14.24
N THR B 81 -7.76 -11.90 -14.37
CA THR B 81 -6.85 -11.75 -13.23
C THR B 81 -6.73 -10.30 -12.83
N GLY B 82 -6.89 -9.38 -13.79
CA GLY B 82 -6.85 -7.97 -13.45
C GLY B 82 -7.96 -7.54 -12.52
N ASP B 83 -9.05 -8.32 -12.43
CA ASP B 83 -10.15 -7.93 -11.57
C ASP B 83 -9.89 -8.25 -10.10
N GLU B 84 -8.82 -8.96 -9.76
CA GLU B 84 -8.58 -9.33 -8.37
C GLU B 84 -8.32 -8.08 -7.53
N GLY B 85 -8.63 -8.15 -6.20
CA GLY B 85 -8.38 -7.01 -5.33
C GLY B 85 -9.58 -6.74 -4.41
N ASP B 86 -9.64 -5.59 -3.74
CA ASP B 86 -10.77 -5.33 -2.85
C ASP B 86 -11.77 -4.36 -3.48
N TYR B 87 -13.06 -4.60 -3.23
CA TYR B 87 -14.18 -3.82 -3.76
C TYR B 87 -14.94 -3.20 -2.59
N TYR B 88 -15.16 -1.88 -2.65
CA TYR B 88 -15.86 -1.12 -1.60
C TYR B 88 -17.08 -0.45 -2.20
N CYS B 89 -18.22 -0.55 -1.53
CA CYS B 89 -19.40 0.23 -1.87
C CYS B 89 -19.45 1.44 -0.93
N GLY B 90 -20.01 2.53 -1.45
CA GLY B 90 -20.16 3.75 -0.67
C GLY B 90 -21.51 4.39 -0.94
N THR B 91 -22.05 5.06 0.08
CA THR B 91 -23.35 5.74 -0.09
C THR B 91 -23.55 6.79 1.00
N TRP B 92 -24.49 7.70 0.75
CA TRP B 92 -24.80 8.75 1.73
C TRP B 92 -25.89 8.34 2.70
N ASP B 93 -25.64 8.50 4.01
CA ASP B 93 -26.64 8.20 5.01
C ASP B 93 -27.26 9.51 5.49
N THR B 94 -28.60 9.66 5.31
CA THR B 94 -29.26 10.90 5.71
C THR B 94 -29.45 11.04 7.21
N SER B 95 -29.61 9.94 7.94
CA SER B 95 -29.73 10.08 9.38
C SER B 95 -28.42 10.52 10.00
N LEU B 96 -27.30 10.04 9.47
CA LEU B 96 -25.99 10.42 9.97
C LEU B 96 -25.44 11.69 9.33
N SER B 97 -25.99 12.12 8.18
CA SER B 97 -25.33 13.10 7.33
C SER B 97 -23.87 12.74 7.09
N ALA B 98 -23.66 11.55 6.52
CA ALA B 98 -22.28 11.17 6.26
C ALA B 98 -22.20 10.15 5.15
N VAL B 99 -21.04 10.06 4.52
CA VAL B 99 -20.79 8.98 3.57
C VAL B 99 -20.29 7.76 4.34
N LEU B 100 -20.96 6.63 4.12
CA LEU B 100 -20.59 5.33 4.67
C LEU B 100 -19.92 4.52 3.57
N PHE B 101 -18.92 3.73 3.96
CA PHE B 101 -18.26 2.75 3.09
C PHE B 101 -18.43 1.36 3.69
N GLY B 102 -18.67 0.35 2.83
CA GLY B 102 -18.63 -1.03 3.31
C GLY B 102 -17.22 -1.45 3.70
N GLY B 103 -17.13 -2.60 4.36
CA GLY B 103 -15.84 -3.16 4.77
C GLY B 103 -15.00 -3.75 3.64
N GLY B 104 -15.57 -3.88 2.44
CA GLY B 104 -14.80 -4.32 1.29
C GLY B 104 -14.91 -5.83 1.08
N THR B 105 -14.88 -6.24 -0.17
CA THR B 105 -14.91 -7.66 -0.55
C THR B 105 -13.67 -7.95 -1.37
N ARG B 106 -12.89 -8.93 -0.94
CA ARG B 106 -11.72 -9.36 -1.69
C ARG B 106 -12.10 -10.40 -2.75
N LEU B 107 -11.82 -10.08 -4.01
CA LEU B 107 -12.12 -10.95 -5.15
C LEU B 107 -10.85 -11.73 -5.52
N THR B 108 -11.02 -13.05 -5.68
CA THR B 108 -9.97 -13.97 -6.10
C THR B 108 -10.39 -14.69 -7.38
N VAL B 109 -9.49 -14.73 -8.36
CA VAL B 109 -9.69 -15.54 -9.54
C VAL B 109 -9.07 -16.90 -9.26
N LEU B 110 -9.90 -17.94 -9.32
CA LEU B 110 -9.53 -19.31 -9.03
C LEU B 110 -8.69 -19.88 -10.16
N GLY B 111 -7.97 -20.96 -9.86
CA GLY B 111 -7.29 -21.74 -10.89
C GLY B 111 -5.82 -21.45 -11.06
N GLN B 112 -5.31 -20.42 -10.39
CA GLN B 112 -3.93 -20.03 -10.60
C GLN B 112 -2.96 -21.06 -10.02
N PRO B 113 -1.90 -21.42 -10.75
CA PRO B 113 -1.01 -22.50 -10.30
C PRO B 113 -0.21 -22.17 -9.05
N LYS B 114 -0.11 -23.16 -8.15
CA LYS B 114 0.72 -22.94 -6.97
C LYS B 114 2.20 -22.96 -7.34
N ALA B 115 2.99 -22.26 -6.53
CA ALA B 115 4.42 -22.09 -6.79
C ALA B 115 5.13 -22.02 -5.45
N ALA B 116 6.05 -22.97 -5.22
CA ALA B 116 6.88 -22.99 -4.03
C ALA B 116 7.84 -21.79 -4.02
N PRO B 117 8.17 -21.26 -2.85
CA PRO B 117 9.02 -20.05 -2.81
C PRO B 117 10.47 -20.35 -3.17
N SER B 118 11.10 -19.36 -3.81
CA SER B 118 12.54 -19.26 -4.00
C SER B 118 13.14 -18.50 -2.82
N VAL B 119 14.19 -19.03 -2.22
CA VAL B 119 14.76 -18.48 -1.01
C VAL B 119 16.23 -18.18 -1.29
N THR B 120 16.66 -16.97 -0.96
CA THR B 120 18.07 -16.59 -1.02
C THR B 120 18.46 -16.01 0.32
N LEU B 121 19.57 -16.50 0.87
CA LEU B 121 20.03 -16.16 2.20
C LEU B 121 21.43 -15.55 2.06
N PHE B 122 21.55 -14.27 2.39
CA PHE B 122 22.83 -13.57 2.38
C PHE B 122 23.37 -13.44 3.79
N PRO B 123 24.65 -13.72 3.97
CA PRO B 123 25.31 -13.49 5.25
C PRO B 123 25.67 -12.02 5.42
N PRO B 124 26.10 -11.61 6.60
CA PRO B 124 26.56 -10.22 6.77
C PRO B 124 27.70 -9.89 5.83
N SER B 125 27.70 -8.67 5.30
CA SER B 125 28.79 -8.24 4.41
C SER B 125 30.05 -7.96 5.20
N SER B 126 31.17 -8.01 4.49
CA SER B 126 32.43 -7.61 5.12
C SER B 126 32.36 -6.18 5.63
N GLU B 127 31.82 -5.28 4.80
CA GLU B 127 31.75 -3.87 5.19
C GLU B 127 30.86 -3.68 6.43
N GLU B 128 29.72 -4.38 6.48
CA GLU B 128 28.85 -4.20 7.65
C GLU B 128 29.55 -4.66 8.92
N LEU B 129 30.23 -5.81 8.84
CA LEU B 129 30.95 -6.32 10.00
C LEU B 129 32.07 -5.38 10.42
N GLN B 130 32.79 -4.80 9.45
CA GLN B 130 33.82 -3.82 9.80
C GLN B 130 33.21 -2.68 10.60
N ALA B 131 31.93 -2.39 10.36
CA ALA B 131 31.25 -1.30 11.04
C ALA B 131 30.53 -1.77 12.30
N ASN B 132 30.83 -2.99 12.75
CA ASN B 132 30.36 -3.54 14.02
C ASN B 132 28.85 -3.81 14.03
N LYS B 133 28.29 -4.16 12.87
CA LYS B 133 26.91 -4.63 12.77
C LYS B 133 26.89 -5.93 11.94
N ALA B 134 25.81 -6.69 12.06
CA ALA B 134 25.67 -7.89 11.22
C ALA B 134 24.19 -8.11 10.93
N THR B 135 23.82 -8.13 9.66
CA THR B 135 22.45 -8.45 9.28
C THR B 135 22.48 -9.63 8.32
N LEU B 136 21.63 -10.62 8.58
CA LEU B 136 21.36 -11.72 7.67
C LEU B 136 20.10 -11.36 6.90
N VAL B 137 20.15 -11.50 5.57
CA VAL B 137 19.02 -11.14 4.70
C VAL B 137 18.46 -12.40 4.04
N CYS B 138 17.17 -12.65 4.24
CA CYS B 138 16.45 -13.78 3.63
C CYS B 138 15.39 -13.25 2.68
N LEU B 139 15.59 -13.45 1.40
CA LEU B 139 14.66 -12.99 0.36
CA LEU B 139 14.66 -12.99 0.38
C LEU B 139 13.85 -14.17 -0.14
N ILE B 140 12.53 -13.99 -0.20
CA ILE B 140 11.59 -15.06 -0.56
C ILE B 140 10.73 -14.56 -1.73
N SER B 141 10.78 -15.25 -2.87
CA SER B 141 10.06 -14.75 -4.03
C SER B 141 9.33 -15.87 -4.80
N ASP B 142 8.48 -15.46 -5.74
CA ASP B 142 7.71 -16.35 -6.62
C ASP B 142 6.96 -17.44 -5.88
N PHE B 143 6.21 -17.08 -4.84
CA PHE B 143 5.32 -18.08 -4.26
C PHE B 143 3.84 -17.71 -4.45
N TYR B 144 3.00 -18.75 -4.48
CA TYR B 144 1.57 -18.59 -4.63
C TYR B 144 0.93 -19.85 -4.05
N PRO B 145 -0.08 -19.73 -3.17
CA PRO B 145 -0.68 -18.49 -2.68
C PRO B 145 0.26 -17.64 -1.80
N GLY B 146 -0.18 -16.42 -1.53
CA GLY B 146 0.73 -15.42 -1.00
C GLY B 146 0.79 -15.27 0.50
N ALA B 147 1.16 -16.36 1.17
CA ALA B 147 1.31 -16.41 2.63
C ALA B 147 2.44 -17.37 2.99
N VAL B 148 3.41 -16.93 3.80
CA VAL B 148 4.48 -17.82 4.23
C VAL B 148 4.69 -17.61 5.72
N THR B 149 5.40 -18.52 6.35
CA THR B 149 5.95 -18.28 7.69
C THR B 149 7.46 -18.36 7.64
N VAL B 150 8.14 -17.46 8.38
CA VAL B 150 9.60 -17.47 8.46
C VAL B 150 10.08 -17.70 9.88
N ALA B 151 11.07 -18.58 10.02
CA ALA B 151 11.72 -18.94 11.27
C ALA B 151 13.23 -18.87 11.05
N TRP B 152 13.99 -18.56 12.10
CA TRP B 152 15.45 -18.45 12.06
C TRP B 152 16.08 -19.39 13.07
N LYS B 153 17.21 -19.98 12.72
CA LYS B 153 17.98 -20.81 13.65
C LYS B 153 19.41 -20.36 13.75
N ALA B 154 19.93 -20.51 14.96
CA ALA B 154 21.34 -20.33 15.25
C ALA B 154 21.87 -21.72 15.61
N ASP B 155 22.64 -22.29 14.71
CA ASP B 155 22.98 -23.72 14.74
C ASP B 155 21.64 -24.45 14.62
N SER B 156 21.22 -25.25 15.60
CA SER B 156 19.93 -25.95 15.51
C SER B 156 18.83 -25.31 16.32
N SER B 157 19.14 -24.17 17.09
CA SER B 157 18.12 -23.69 18.00
C SER B 157 17.39 -22.49 17.40
N PRO B 158 16.11 -22.29 17.71
CA PRO B 158 15.41 -21.16 17.12
C PRO B 158 15.90 -19.86 17.76
N VAL B 159 15.88 -18.81 16.96
CA VAL B 159 16.38 -17.51 17.40
C VAL B 159 15.15 -16.67 17.75
N LYS B 160 14.90 -16.47 19.05
CA LYS B 160 13.72 -15.71 19.46
C LYS B 160 13.91 -14.19 19.20
N ALA B 161 15.13 -13.67 19.34
CA ALA B 161 15.39 -12.22 19.31
C ALA B 161 16.14 -11.79 18.05
N GLY B 162 15.66 -10.72 17.43
CA GLY B 162 16.40 -10.03 16.38
C GLY B 162 15.79 -10.07 15.00
N VAL B 163 14.60 -10.63 14.85
CA VAL B 163 14.01 -10.87 13.53
C VAL B 163 12.98 -9.80 13.19
N GLU B 164 12.99 -9.35 11.94
CA GLU B 164 11.89 -8.55 11.44
C GLU B 164 11.51 -9.07 10.08
N THR B 165 10.21 -9.20 9.85
CA THR B 165 9.74 -9.89 8.66
C THR B 165 8.67 -9.09 7.96
N THR B 166 8.75 -9.08 6.65
CA THR B 166 7.85 -8.35 5.79
C THR B 166 6.56 -9.16 5.55
N THR B 167 5.43 -8.46 5.42
CA THR B 167 4.22 -9.11 4.92
C THR B 167 4.36 -9.35 3.42
N PRO B 168 3.67 -10.35 2.87
CA PRO B 168 3.81 -10.64 1.44
C PRO B 168 3.28 -9.53 0.55
N SER B 169 3.92 -9.37 -0.60
CA SER B 169 3.65 -8.31 -1.55
C SER B 169 3.61 -8.87 -2.97
N LYS B 170 2.71 -8.34 -3.79
CA LYS B 170 2.43 -8.94 -5.09
C LYS B 170 3.42 -8.42 -6.13
N GLN B 171 3.95 -9.33 -6.94
CA GLN B 171 4.96 -9.08 -7.95
C GLN B 171 4.29 -8.82 -9.30
N SER B 172 5.10 -8.44 -10.30
CA SER B 172 4.53 -8.25 -11.63
C SER B 172 3.92 -9.54 -12.19
N ASN B 173 4.49 -10.70 -11.87
CA ASN B 173 3.94 -11.94 -12.42
C ASN B 173 2.74 -12.49 -11.63
N ASN B 174 2.16 -11.74 -10.69
CA ASN B 174 1.03 -12.17 -9.86
C ASN B 174 1.42 -13.17 -8.78
N LYS B 175 2.70 -13.54 -8.64
CA LYS B 175 3.16 -14.22 -7.44
C LYS B 175 3.55 -13.22 -6.33
N TYR B 176 4.03 -13.77 -5.22
CA TYR B 176 4.21 -12.98 -4.00
C TYR B 176 5.65 -13.05 -3.51
N ALA B 177 6.04 -12.00 -2.78
CA ALA B 177 7.39 -11.86 -2.26
C ALA B 177 7.33 -11.41 -0.81
N ALA B 178 8.36 -11.79 -0.05
CA ALA B 178 8.57 -11.31 1.30
C ALA B 178 10.06 -11.25 1.60
N SER B 179 10.39 -10.62 2.74
CA SER B 179 11.75 -10.45 3.25
C SER B 179 11.76 -10.73 4.75
N SER B 180 12.81 -11.32 5.23
CA SER B 180 13.08 -11.41 6.66
C SER B 180 14.54 -11.03 6.92
N TYR B 181 14.77 -10.37 8.05
CA TYR B 181 16.08 -9.88 8.44
C TYR B 181 16.38 -10.34 9.86
N LEU B 182 17.62 -10.79 10.09
CA LEU B 182 18.07 -11.18 11.42
C LEU B 182 19.24 -10.28 11.79
N SER B 183 19.11 -9.58 12.90
CA SER B 183 20.11 -8.63 13.38
C SER B 183 20.94 -9.29 14.47
N LEU B 184 22.28 -9.24 14.30
CA LEU B 184 23.24 -9.86 15.19
C LEU B 184 24.41 -8.90 15.43
N THR B 185 25.11 -9.16 16.54
CA THR B 185 26.44 -8.61 16.72
C THR B 185 27.45 -9.41 15.90
N PRO B 186 28.58 -8.80 15.51
CA PRO B 186 29.63 -9.59 14.86
C PRO B 186 30.09 -10.77 15.71
N GLU B 187 30.11 -10.63 17.02
CA GLU B 187 30.55 -11.71 17.89
C GLU B 187 29.59 -12.90 17.83
N GLN B 188 28.29 -12.59 17.86
CA GLN B 188 27.24 -13.58 17.75
C GLN B 188 27.32 -14.33 16.43
N TRP B 189 27.55 -13.59 15.34
CA TRP B 189 27.69 -14.23 14.04
C TRP B 189 28.88 -15.19 14.05
N LYS B 190 30.04 -14.72 14.51
CA LYS B 190 31.25 -15.53 14.38
C LYS B 190 31.27 -16.71 15.34
N SER B 191 30.53 -16.68 16.45
CA SER B 191 30.69 -17.77 17.43
C SER B 191 30.04 -19.06 16.94
N HIS B 192 28.88 -18.96 16.27
CA HIS B 192 28.09 -20.13 15.88
C HIS B 192 28.58 -20.79 14.60
N ARG B 193 28.26 -22.08 14.46
CA ARG B 193 28.65 -22.83 13.27
C ARG B 193 27.84 -22.42 12.04
N SER B 194 26.60 -22.00 12.23
CA SER B 194 25.77 -21.68 11.08
C SER B 194 24.55 -20.89 11.53
N TYR B 195 23.89 -20.25 10.56
CA TYR B 195 22.57 -19.68 10.74
C TYR B 195 21.67 -20.12 9.60
N SER B 196 20.37 -20.24 9.88
CA SER B 196 19.43 -20.76 8.90
C SER B 196 18.16 -19.94 8.87
N CYS B 197 17.63 -19.74 7.65
CA CYS B 197 16.30 -19.19 7.39
C CYS B 197 15.39 -20.33 6.92
N GLN B 198 14.28 -20.57 7.64
CA GLN B 198 13.30 -21.58 7.22
C GLN B 198 12.01 -20.90 6.81
N VAL B 199 11.56 -21.19 5.60
CA VAL B 199 10.35 -20.62 5.06
C VAL B 199 9.35 -21.77 4.93
N THR B 200 8.17 -21.60 5.52
CA THR B 200 7.09 -22.59 5.43
C THR B 200 6.00 -22.03 4.53
N HIS B 201 5.56 -22.85 3.60
CA HIS B 201 4.56 -22.48 2.60
C HIS B 201 3.68 -23.70 2.39
N GLU B 202 2.38 -23.55 2.62
CA GLU B 202 1.45 -24.64 2.35
C GLU B 202 1.90 -25.92 3.05
N GLY B 203 2.38 -25.79 4.27
CA GLY B 203 2.76 -26.91 5.10
C GLY B 203 4.08 -27.58 4.77
N SER B 204 4.82 -27.10 3.76
CA SER B 204 6.14 -27.61 3.45
C SER B 204 7.18 -26.52 3.70
N THR B 205 8.45 -26.91 3.74
CA THR B 205 9.47 -26.02 4.31
C THR B 205 10.73 -26.05 3.44
N VAL B 206 11.28 -24.87 3.17
CA VAL B 206 12.61 -24.72 2.58
C VAL B 206 13.48 -24.06 3.62
N GLU B 207 14.66 -24.62 3.85
CA GLU B 207 15.67 -24.07 4.75
C GLU B 207 16.96 -23.81 4.01
N LYS B 208 17.48 -22.58 4.13
CA LYS B 208 18.78 -22.22 3.59
C LYS B 208 19.68 -21.82 4.74
N THR B 209 20.98 -22.08 4.59
CA THR B 209 21.93 -22.01 5.68
C THR B 209 23.20 -21.32 5.19
N VAL B 210 23.73 -20.43 6.04
CA VAL B 210 24.99 -19.71 5.83
C VAL B 210 25.89 -19.98 7.03
N ALA B 211 27.20 -19.71 6.86
CA ALA B 211 28.18 -19.92 7.93
C ALA B 211 29.27 -18.84 7.91
N PRO B 212 29.85 -18.51 9.07
CA PRO B 212 30.91 -17.48 9.07
C PRO B 212 32.11 -17.85 8.22
N THR B 213 32.36 -19.14 7.99
CA THR B 213 33.56 -19.58 7.28
C THR B 213 33.33 -19.64 5.76
N GLY C 8 -25.59 23.92 9.04
CA GLY C 8 -27.03 24.01 9.12
C GLY C 8 -27.81 22.75 8.70
N ILE C 9 -29.03 22.65 9.25
CA ILE C 9 -30.00 21.71 8.72
C ILE C 9 -30.28 22.00 7.25
N ASP C 10 -30.24 23.28 6.85
CA ASP C 10 -30.56 23.53 5.45
C ASP C 10 -29.52 22.90 4.53
N PHE C 11 -28.24 22.92 4.96
CA PHE C 11 -27.19 22.33 4.15
C PHE C 11 -27.33 20.80 4.09
N GLN C 12 -27.67 20.19 5.23
CA GLN C 12 -27.97 18.76 5.24
C GLN C 12 -29.11 18.42 4.28
N ASP C 13 -30.15 19.27 4.24
CA ASP C 13 -31.27 19.03 3.32
C ASP C 13 -30.81 19.11 1.87
N GLU C 14 -29.98 20.12 1.56
CA GLU C 14 -29.31 20.16 0.27
C GLU C 14 -28.64 18.86 -0.09
N LEU C 15 -27.86 18.34 0.84
CA LEU C 15 -27.06 17.17 0.51
C LEU C 15 -27.94 15.94 0.35
N ASP C 16 -28.97 15.84 1.20
CA ASP C 16 -29.92 14.74 1.09
C ASP C 16 -30.53 14.73 -0.30
N GLU C 17 -30.87 15.90 -0.81
CA GLU C 17 -31.43 16.01 -2.15
C GLU C 17 -30.40 15.70 -3.23
N PHE C 18 -29.18 16.18 -3.07
CA PHE C 18 -28.16 15.96 -4.09
C PHE C 18 -27.90 14.46 -4.28
N PHE C 19 -27.84 13.73 -3.19
CA PHE C 19 -27.53 12.30 -3.19
C PHE C 19 -28.77 11.42 -3.33
N LYS C 20 -29.97 11.97 -3.53
CA LYS C 20 -31.16 11.12 -3.51
C LYS C 20 -31.27 10.25 -4.77
N ASN C 21 -31.67 8.98 -4.55
CA ASN C 21 -31.83 7.99 -5.60
C ASN C 21 -32.91 6.99 -5.15
N VAL C 22 -34.16 7.23 -5.60
CA VAL C 22 -35.29 6.35 -5.28
C VAL C 22 -35.35 5.20 -6.33
#